data_1I5B
#
_entry.id   1I5B
#
_cell.length_a   40.830
_cell.length_b   48.410
_cell.length_c   86.400
_cell.angle_alpha   90.00
_cell.angle_beta   95.03
_cell.angle_gamma   90.00
#
_symmetry.space_group_name_H-M   'P 1 21 1'
#
loop_
_entity.id
_entity.type
_entity.pdbx_description
1 polymer 'CHEMOTAXIS PROTEIN CHEA'
2 non-polymer 'ACETATE ION'
3 non-polymer 'MANGANESE (II) ION'
4 non-polymer 'PHOSPHOAMINOPHOSPHONIC ACID-ADENYLATE ESTER'
5 water water
#
_entity_poly.entity_id   1
_entity_poly.type   'polypeptide(L)'
_entity_poly.pdbx_seq_one_letter_code
;GSHMVPISFVFNRFPRMVRDLAKKMNKEVNFIMRGEDTELDRTFVEEIGEPLLHLLRNAIDHGIEPKEERIAKGKPPIGT
LILSARHEGNNVVIEVEDDGRGIDKEKIIRKAIEKGLIDESKAATLSDQEILNFLFVPGFSTKEKVSEVSGRGVGMDVVK
NVVESLNGSISIESEKDKGTKVTIRLPLT
;
_entity_poly.pdbx_strand_id   A,B
#
# COMPACT_ATOMS: atom_id res chain seq x y z
N GLY A 1 18.46 20.23 -1.52
CA GLY A 1 18.45 19.60 -2.86
C GLY A 1 19.75 18.87 -3.15
N SER A 2 19.90 17.71 -2.52
CA SER A 2 21.10 16.89 -2.67
C SER A 2 21.09 15.98 -3.90
N HIS A 3 20.03 15.19 -4.05
CA HIS A 3 19.95 14.28 -5.18
C HIS A 3 18.78 14.57 -6.11
N MET A 4 18.75 15.80 -6.61
CA MET A 4 17.71 16.27 -7.52
C MET A 4 17.90 15.70 -8.93
N VAL A 5 16.79 15.40 -9.60
CA VAL A 5 16.79 14.90 -10.98
C VAL A 5 15.49 15.38 -11.63
N PRO A 6 15.52 15.76 -12.92
CA PRO A 6 14.29 16.21 -13.55
C PRO A 6 13.20 15.16 -13.43
N ILE A 7 11.97 15.59 -13.20
CA ILE A 7 10.86 14.66 -13.06
C ILE A 7 10.56 13.95 -14.37
N SER A 8 11.32 14.29 -15.42
CA SER A 8 11.14 13.67 -16.72
C SER A 8 11.52 12.19 -16.67
N PHE A 9 12.29 11.81 -15.64
CA PHE A 9 12.70 10.43 -15.49
C PHE A 9 11.53 9.52 -15.16
N VAL A 10 10.43 10.11 -14.71
CA VAL A 10 9.25 9.32 -14.37
C VAL A 10 8.14 9.62 -15.36
N PHE A 11 8.13 10.84 -15.88
CA PHE A 11 7.11 11.31 -16.83
C PHE A 11 7.17 10.71 -18.24
N ASN A 12 8.35 10.68 -18.87
CA ASN A 12 8.47 10.19 -20.25
C ASN A 12 7.86 8.83 -20.58
N ARG A 13 7.65 7.99 -19.57
CA ARG A 13 7.05 6.66 -19.81
C ARG A 13 5.51 6.72 -19.86
N PHE A 14 4.92 7.88 -19.61
CA PHE A 14 3.46 7.98 -19.60
C PHE A 14 2.69 8.14 -20.91
N PRO A 15 3.25 8.88 -21.88
CA PRO A 15 2.53 9.04 -23.15
C PRO A 15 2.09 7.73 -23.78
N ARG A 16 3.00 6.76 -23.85
CA ARG A 16 2.67 5.45 -24.43
C ARG A 16 1.67 4.71 -23.54
N MET A 17 1.86 4.75 -22.23
CA MET A 17 0.96 4.07 -21.30
C MET A 17 -0.46 4.62 -21.39
N VAL A 18 -0.58 5.93 -21.51
CA VAL A 18 -1.88 6.60 -21.62
C VAL A 18 -2.55 6.23 -22.93
N ARG A 19 -1.80 6.29 -24.02
CA ARG A 19 -2.36 5.97 -25.33
C ARG A 19 -2.92 4.56 -25.38
N ASP A 20 -2.23 3.59 -24.78
CA ASP A 20 -2.70 2.22 -24.80
C ASP A 20 -3.88 1.99 -23.88
N LEU A 21 -3.94 2.73 -22.78
CA LEU A 21 -5.06 2.61 -21.83
C LEU A 21 -6.31 3.16 -22.49
N ALA A 22 -6.13 4.24 -23.26
CA ALA A 22 -7.24 4.87 -23.95
C ALA A 22 -7.81 3.90 -25.00
N LYS A 23 -6.94 3.28 -25.77
CA LYS A 23 -7.38 2.33 -26.80
C LYS A 23 -8.08 1.14 -26.17
N LYS A 24 -7.56 0.68 -25.04
CA LYS A 24 -8.16 -0.46 -24.37
C LYS A 24 -9.56 -0.17 -23.81
N MET A 25 -9.73 1.04 -23.26
CA MET A 25 -11.02 1.43 -22.68
C MET A 25 -11.91 2.19 -23.66
N ASN A 26 -11.51 2.21 -24.93
CA ASN A 26 -12.27 2.90 -25.96
C ASN A 26 -12.57 4.36 -25.62
N LYS A 27 -11.53 5.09 -25.26
CA LYS A 27 -11.62 6.50 -24.93
C LYS A 27 -10.66 7.20 -25.82
N GLU A 28 -11.02 8.41 -26.20
CA GLU A 28 -10.21 9.26 -27.05
C GLU A 28 -9.70 10.33 -26.13
N VAL A 29 -8.39 10.37 -25.92
CA VAL A 29 -7.83 11.35 -25.04
C VAL A 29 -6.57 12.06 -25.54
N ASN A 30 -6.54 13.37 -25.37
CA ASN A 30 -5.39 14.18 -25.73
C ASN A 30 -4.59 14.30 -24.43
N PHE A 31 -3.39 13.74 -24.41
CA PHE A 31 -2.56 13.76 -23.21
C PHE A 31 -1.54 14.89 -23.23
N ILE A 32 -1.57 15.76 -22.21
CA ILE A 32 -0.65 16.89 -22.11
C ILE A 32 0.23 16.79 -20.87
N MET A 33 1.55 16.92 -21.05
CA MET A 33 2.51 16.87 -19.95
C MET A 33 3.23 18.22 -19.84
N ARG A 34 3.16 18.81 -18.66
CA ARG A 34 3.80 20.10 -18.42
C ARG A 34 4.79 20.05 -17.26
N GLY A 35 5.90 20.75 -17.40
CA GLY A 35 6.89 20.83 -16.34
C GLY A 35 7.76 19.63 -16.13
N GLU A 36 8.05 18.91 -17.20
CA GLU A 36 8.88 17.70 -17.12
C GLU A 36 10.33 18.03 -16.74
N ASP A 37 10.65 19.31 -16.64
CA ASP A 37 12.01 19.70 -16.27
C ASP A 37 12.08 20.05 -14.78
N THR A 38 10.96 19.90 -14.09
CA THR A 38 10.89 20.19 -12.67
C THR A 38 11.76 19.19 -11.91
N GLU A 39 12.72 19.70 -11.16
CA GLU A 39 13.64 18.87 -10.38
C GLU A 39 13.04 18.45 -9.03
N LEU A 40 13.26 17.20 -8.64
CA LEU A 40 12.80 16.70 -7.35
C LEU A 40 13.70 15.55 -6.89
N ASP A 41 13.69 15.26 -5.59
CA ASP A 41 14.53 14.20 -5.05
C ASP A 41 14.35 12.89 -5.81
N ARG A 42 15.45 12.25 -6.17
CA ARG A 42 15.39 11.02 -6.94
C ARG A 42 14.59 9.91 -6.28
N THR A 43 14.56 9.87 -4.95
CA THR A 43 13.80 8.84 -4.23
C THR A 43 12.32 8.97 -4.62
N PHE A 44 11.84 10.19 -4.70
CA PHE A 44 10.45 10.44 -5.07
C PHE A 44 10.23 9.99 -6.52
N VAL A 45 11.08 10.47 -7.43
CA VAL A 45 10.95 10.11 -8.84
C VAL A 45 10.77 8.61 -8.99
N GLU A 46 11.56 7.85 -8.25
CA GLU A 46 11.50 6.39 -8.32
C GLU A 46 10.28 5.77 -7.61
N GLU A 47 9.57 6.55 -6.81
CA GLU A 47 8.42 6.01 -6.05
C GLU A 47 7.07 6.55 -6.47
N ILE A 48 7.06 7.69 -7.15
CA ILE A 48 5.83 8.32 -7.57
C ILE A 48 5.26 7.74 -8.86
N GLY A 49 6.00 6.83 -9.50
CA GLY A 49 5.52 6.22 -10.74
C GLY A 49 4.22 5.43 -10.60
N GLU A 50 4.17 4.51 -9.66
CA GLU A 50 2.97 3.69 -9.45
C GLU A 50 1.76 4.60 -9.23
N PRO A 51 1.85 5.52 -8.26
CA PRO A 51 0.77 6.44 -7.93
C PRO A 51 0.24 7.22 -9.14
N LEU A 52 1.12 7.95 -9.81
CA LEU A 52 0.70 8.74 -10.96
C LEU A 52 0.00 7.87 -12.00
N LEU A 53 0.57 6.71 -12.30
CA LEU A 53 -0.05 5.84 -13.29
C LEU A 53 -1.45 5.52 -12.88
N HIS A 54 -1.67 5.32 -11.58
CA HIS A 54 -3.01 4.98 -11.10
C HIS A 54 -3.98 6.15 -11.22
N LEU A 55 -3.49 7.36 -11.01
CA LEU A 55 -4.36 8.52 -11.13
C LEU A 55 -4.69 8.72 -12.61
N LEU A 56 -3.71 8.52 -13.48
CA LEU A 56 -3.93 8.63 -14.92
C LEU A 56 -4.97 7.58 -15.41
N ARG A 57 -4.87 6.35 -14.90
CA ARG A 57 -5.80 5.30 -15.28
C ARG A 57 -7.21 5.65 -14.77
N ASN A 58 -7.29 6.19 -13.56
CA ASN A 58 -8.57 6.59 -13.01
C ASN A 58 -9.24 7.62 -13.91
N ALA A 59 -8.47 8.58 -14.38
CA ALA A 59 -9.00 9.63 -15.23
C ALA A 59 -9.54 9.07 -16.54
N ILE A 60 -8.81 8.13 -17.12
CA ILE A 60 -9.18 7.48 -18.39
C ILE A 60 -10.34 6.51 -18.22
N ASP A 61 -10.42 5.87 -17.06
CA ASP A 61 -11.49 4.92 -16.78
C ASP A 61 -12.77 5.62 -16.30
N HIS A 62 -12.70 6.25 -15.14
CA HIS A 62 -13.87 6.94 -14.57
C HIS A 62 -14.08 8.36 -15.05
N GLY A 63 -13.02 9.02 -15.51
CA GLY A 63 -13.14 10.41 -15.93
C GLY A 63 -13.64 10.66 -17.33
N ILE A 64 -12.72 10.61 -18.30
CA ILE A 64 -13.08 10.86 -19.69
C ILE A 64 -14.13 9.88 -20.21
N GLU A 65 -15.19 10.44 -20.77
CA GLU A 65 -16.26 9.63 -21.33
C GLU A 65 -15.96 9.25 -22.78
N PRO A 66 -16.56 8.16 -23.27
CA PRO A 66 -16.31 7.75 -24.66
C PRO A 66 -16.69 8.94 -25.56
N LYS A 67 -16.02 9.09 -26.70
CA LYS A 67 -16.30 10.21 -27.61
C LYS A 67 -17.82 10.34 -27.90
N GLU A 68 -18.47 9.25 -28.26
CA GLU A 68 -19.90 9.30 -28.54
C GLU A 68 -20.71 9.87 -27.37
N GLU A 69 -20.23 9.66 -26.14
CA GLU A 69 -20.96 10.19 -24.98
C GLU A 69 -20.67 11.68 -24.81
N ARG A 70 -19.41 12.05 -25.00
CA ARG A 70 -19.05 13.45 -24.87
C ARG A 70 -19.80 14.26 -25.91
N ILE A 71 -20.00 13.65 -27.07
CA ILE A 71 -20.71 14.33 -28.14
C ILE A 71 -22.15 14.53 -27.71
N ALA A 72 -22.82 13.46 -27.34
CA ALA A 72 -24.20 13.54 -26.88
C ALA A 72 -24.38 14.52 -25.72
N LYS A 73 -23.35 14.68 -24.90
CA LYS A 73 -23.40 15.56 -23.74
C LYS A 73 -23.10 17.01 -24.07
N GLY A 74 -22.65 17.27 -25.29
CA GLY A 74 -22.34 18.63 -25.70
C GLY A 74 -20.97 19.09 -25.26
N LYS A 75 -20.01 18.18 -25.25
CA LYS A 75 -18.66 18.52 -24.84
C LYS A 75 -17.66 18.31 -25.97
N PRO A 76 -16.45 18.89 -25.86
CA PRO A 76 -15.49 18.71 -26.95
C PRO A 76 -15.35 17.19 -27.11
N PRO A 77 -15.47 16.71 -28.36
CA PRO A 77 -15.37 15.28 -28.68
C PRO A 77 -14.23 14.52 -28.01
N ILE A 78 -13.03 15.07 -28.11
CA ILE A 78 -11.84 14.45 -27.56
C ILE A 78 -11.60 14.87 -26.11
N GLY A 79 -11.21 13.92 -25.27
CA GLY A 79 -10.97 14.25 -23.88
C GLY A 79 -9.57 14.77 -23.67
N THR A 80 -9.37 15.51 -22.58
CA THR A 80 -8.06 16.07 -22.26
C THR A 80 -7.58 15.61 -20.89
N LEU A 81 -6.35 15.12 -20.85
CA LEU A 81 -5.75 14.62 -19.62
C LEU A 81 -4.42 15.35 -19.46
N ILE A 82 -4.24 16.06 -18.35
CA ILE A 82 -3.01 16.83 -18.13
C ILE A 82 -2.22 16.39 -16.92
N LEU A 83 -0.96 16.07 -17.14
CA LEU A 83 -0.06 15.68 -16.06
C LEU A 83 0.95 16.82 -15.95
N SER A 84 1.00 17.50 -14.80
CA SER A 84 1.95 18.60 -14.67
C SER A 84 2.72 18.65 -13.34
N ALA A 85 3.87 19.33 -13.39
CA ALA A 85 4.70 19.51 -12.21
C ALA A 85 5.10 20.97 -12.13
N ARG A 86 5.23 21.49 -10.92
CA ARG A 86 5.61 22.89 -10.71
C ARG A 86 6.07 23.13 -9.28
N HIS A 87 6.57 24.32 -9.03
CA HIS A 87 7.04 24.70 -7.70
C HIS A 87 6.09 25.66 -7.03
N GLU A 88 5.85 25.43 -5.75
CA GLU A 88 4.98 26.31 -4.99
C GLU A 88 5.72 26.43 -3.66
N GLY A 89 6.51 27.48 -3.53
CA GLY A 89 7.28 27.66 -2.31
C GLY A 89 8.27 26.50 -2.24
N ASN A 90 8.41 25.89 -1.06
CA ASN A 90 9.32 24.77 -0.91
C ASN A 90 8.57 23.44 -1.07
N ASN A 91 7.70 23.39 -2.08
CA ASN A 91 6.92 22.20 -2.41
C ASN A 91 6.92 21.98 -3.90
N VAL A 92 6.97 20.73 -4.32
CA VAL A 92 6.88 20.39 -5.74
C VAL A 92 5.42 19.94 -5.83
N VAL A 93 4.69 20.48 -6.81
CA VAL A 93 3.29 20.13 -6.95
C VAL A 93 3.03 19.42 -8.28
N ILE A 94 2.49 18.22 -8.18
CA ILE A 94 2.16 17.41 -9.35
C ILE A 94 0.65 17.28 -9.39
N GLU A 95 0.08 17.51 -10.57
CA GLU A 95 -1.36 17.45 -10.72
C GLU A 95 -1.78 16.58 -11.89
N VAL A 96 -2.92 15.91 -11.73
CA VAL A 96 -3.48 15.07 -12.79
C VAL A 96 -4.89 15.63 -12.95
N GLU A 97 -5.15 16.22 -14.12
CA GLU A 97 -6.44 16.82 -14.36
C GLU A 97 -7.10 16.36 -15.64
N ASP A 98 -8.38 16.04 -15.55
CA ASP A 98 -9.15 15.59 -16.71
C ASP A 98 -10.39 16.45 -16.84
N ASP A 99 -10.95 16.54 -18.04
CA ASP A 99 -12.19 17.32 -18.23
C ASP A 99 -13.28 16.29 -18.52
N GLY A 100 -13.32 15.28 -17.66
CA GLY A 100 -14.28 14.20 -17.80
C GLY A 100 -15.61 14.48 -17.17
N ARG A 101 -16.29 13.42 -16.72
CA ARG A 101 -17.62 13.53 -16.12
C ARG A 101 -17.58 14.03 -14.68
N GLY A 102 -16.40 13.96 -14.07
CA GLY A 102 -16.26 14.42 -12.69
C GLY A 102 -16.62 13.30 -11.73
N ILE A 103 -16.16 13.42 -10.49
CA ILE A 103 -16.47 12.40 -9.50
C ILE A 103 -17.94 12.45 -9.10
N ASP A 104 -18.61 11.30 -9.15
CA ASP A 104 -20.03 11.20 -8.79
C ASP A 104 -20.12 11.26 -7.26
N LYS A 105 -20.38 12.45 -6.71
CA LYS A 105 -20.48 12.66 -5.26
C LYS A 105 -21.73 12.04 -4.64
N GLU A 106 -22.81 11.92 -5.40
CA GLU A 106 -24.02 11.32 -4.84
C GLU A 106 -23.73 9.84 -4.66
N LYS A 107 -23.02 9.26 -5.62
CA LYS A 107 -22.65 7.85 -5.52
C LYS A 107 -21.90 7.64 -4.20
N ILE A 108 -20.95 8.53 -3.89
CA ILE A 108 -20.18 8.42 -2.65
C ILE A 108 -21.10 8.53 -1.45
N ILE A 109 -21.95 9.55 -1.48
CA ILE A 109 -22.92 9.79 -0.40
C ILE A 109 -23.72 8.50 -0.11
N ARG A 110 -24.34 7.94 -1.14
CA ARG A 110 -25.14 6.70 -1.02
C ARG A 110 -24.32 5.54 -0.43
N LYS A 111 -23.06 5.43 -0.84
CA LYS A 111 -22.21 4.34 -0.33
C LYS A 111 -21.90 4.54 1.15
N ALA A 112 -21.74 5.80 1.56
CA ALA A 112 -21.44 6.12 2.95
C ALA A 112 -22.65 5.86 3.84
N ILE A 113 -23.84 6.13 3.31
CA ILE A 113 -25.08 5.89 4.06
C ILE A 113 -25.25 4.39 4.18
N GLU A 114 -24.86 3.67 3.13
CA GLU A 114 -24.98 2.22 3.08
C GLU A 114 -24.10 1.51 4.11
N LYS A 115 -22.90 2.06 4.33
CA LYS A 115 -21.96 1.48 5.30
C LYS A 115 -22.28 2.01 6.69
N GLY A 116 -23.43 2.65 6.83
CA GLY A 116 -23.81 3.19 8.12
C GLY A 116 -22.93 4.32 8.65
N LEU A 117 -21.99 4.81 7.85
CA LEU A 117 -21.13 5.91 8.29
C LEU A 117 -21.90 7.20 8.63
N ILE A 118 -22.92 7.49 7.83
CA ILE A 118 -23.74 8.67 8.02
C ILE A 118 -25.19 8.30 7.73
N ASP A 119 -26.13 9.09 8.23
CA ASP A 119 -27.53 8.81 7.94
C ASP A 119 -27.96 9.82 6.88
N GLU A 120 -29.23 9.80 6.50
CA GLU A 120 -29.68 10.73 5.46
C GLU A 120 -29.53 12.20 5.85
N SER A 121 -30.18 12.60 6.95
CA SER A 121 -30.12 13.98 7.42
C SER A 121 -28.71 14.52 7.37
N LYS A 122 -27.77 13.79 7.97
CA LYS A 122 -26.37 14.19 7.98
C LYS A 122 -25.75 14.33 6.58
N ALA A 123 -26.08 13.40 5.69
CA ALA A 123 -25.55 13.43 4.34
C ALA A 123 -25.90 14.72 3.61
N ALA A 124 -27.05 15.31 3.96
CA ALA A 124 -27.49 16.54 3.32
C ALA A 124 -26.69 17.76 3.79
N THR A 125 -25.91 17.59 4.86
CA THR A 125 -25.13 18.69 5.42
C THR A 125 -23.65 18.67 5.02
N LEU A 126 -23.19 17.56 4.46
CA LEU A 126 -21.79 17.43 4.09
C LEU A 126 -21.32 18.36 2.99
N SER A 127 -20.05 18.76 3.08
CA SER A 127 -19.48 19.62 2.06
C SER A 127 -18.83 18.70 1.03
N ASP A 128 -18.54 19.24 -0.15
CA ASP A 128 -17.92 18.44 -1.19
C ASP A 128 -16.60 17.82 -0.73
N GLN A 129 -15.84 18.57 0.07
CA GLN A 129 -14.54 18.11 0.56
C GLN A 129 -14.73 16.91 1.47
N GLU A 130 -15.75 16.96 2.33
CA GLU A 130 -16.05 15.88 3.24
C GLU A 130 -16.44 14.65 2.43
N ILE A 131 -17.23 14.87 1.38
CA ILE A 131 -17.69 13.79 0.53
C ILE A 131 -16.50 13.13 -0.19
N LEU A 132 -15.74 13.96 -0.91
CA LEU A 132 -14.58 13.49 -1.65
C LEU A 132 -13.56 12.77 -0.77
N ASN A 133 -13.47 13.16 0.50
CA ASN A 133 -12.51 12.51 1.40
C ASN A 133 -12.85 11.05 1.70
N PHE A 134 -14.09 10.65 1.44
CA PHE A 134 -14.46 9.27 1.69
C PHE A 134 -13.63 8.39 0.76
N LEU A 135 -13.19 8.96 -0.36
CA LEU A 135 -12.40 8.20 -1.32
C LEU A 135 -11.05 7.77 -0.74
N PHE A 136 -10.65 8.38 0.36
CA PHE A 136 -9.38 8.08 1.00
C PHE A 136 -9.50 7.15 2.18
N VAL A 137 -10.74 6.89 2.60
CA VAL A 137 -10.96 5.97 3.73
C VAL A 137 -10.66 4.58 3.20
N PRO A 138 -9.74 3.86 3.87
CA PRO A 138 -9.42 2.51 3.40
C PRO A 138 -10.62 1.56 3.40
N GLY A 139 -10.76 0.80 2.32
CA GLY A 139 -11.86 -0.13 2.22
C GLY A 139 -13.18 0.47 1.76
N PHE A 140 -13.23 1.79 1.63
CA PHE A 140 -14.45 2.47 1.21
C PHE A 140 -14.88 2.05 -0.21
N SER A 141 -13.96 2.13 -1.17
CA SER A 141 -14.25 1.75 -2.56
C SER A 141 -14.05 0.26 -2.77
N THR A 142 -14.61 -0.26 -3.87
CA THR A 142 -14.52 -1.67 -4.20
C THR A 142 -13.34 -1.96 -5.14
N LYS A 143 -12.46 -2.87 -4.72
CA LYS A 143 -11.31 -3.22 -5.54
C LYS A 143 -11.69 -4.26 -6.62
N GLY A 153 -3.18 -4.58 -3.87
CA GLY A 153 -4.43 -3.78 -4.10
C GLY A 153 -4.12 -2.31 -4.33
N VAL A 154 -4.74 -1.72 -5.36
CA VAL A 154 -4.52 -0.32 -5.70
C VAL A 154 -5.72 0.53 -5.25
N GLY A 155 -5.75 1.78 -5.69
CA GLY A 155 -6.82 2.67 -5.31
C GLY A 155 -6.31 3.97 -4.73
N MET A 156 -7.23 4.84 -4.32
CA MET A 156 -6.85 6.13 -3.76
C MET A 156 -6.17 5.89 -2.42
N ASP A 157 -6.60 4.84 -1.73
CA ASP A 157 -6.05 4.44 -0.44
C ASP A 157 -4.56 4.26 -0.61
N VAL A 158 -4.20 3.49 -1.63
CA VAL A 158 -2.81 3.21 -1.93
C VAL A 158 -2.02 4.43 -2.38
N VAL A 159 -2.68 5.34 -3.10
CA VAL A 159 -2.00 6.55 -3.58
C VAL A 159 -1.69 7.47 -2.41
N LYS A 160 -2.63 7.60 -1.47
CA LYS A 160 -2.40 8.48 -0.34
C LYS A 160 -1.28 7.94 0.53
N ASN A 161 -1.29 6.64 0.78
CA ASN A 161 -0.27 6.01 1.63
C ASN A 161 1.12 6.13 1.04
N VAL A 162 1.27 5.87 -0.26
CA VAL A 162 2.59 6.00 -0.86
C VAL A 162 3.05 7.46 -0.76
N VAL A 163 2.19 8.37 -1.22
CA VAL A 163 2.49 9.80 -1.17
C VAL A 163 2.87 10.27 0.23
N GLU A 164 2.11 9.86 1.25
CA GLU A 164 2.43 10.27 2.61
C GLU A 164 3.70 9.62 3.17
N SER A 165 4.05 8.42 2.70
CA SER A 165 5.27 7.79 3.18
C SER A 165 6.46 8.61 2.70
N LEU A 166 6.18 9.54 1.77
CA LEU A 166 7.19 10.43 1.22
C LEU A 166 7.05 11.78 1.91
N ASN A 167 6.19 11.82 2.93
CA ASN A 167 5.91 13.05 3.67
C ASN A 167 5.21 14.04 2.74
N GLY A 168 4.43 13.47 1.84
CA GLY A 168 3.69 14.28 0.90
C GLY A 168 2.24 14.38 1.31
N SER A 169 1.50 15.15 0.53
CA SER A 169 0.09 15.35 0.80
C SER A 169 -0.65 15.25 -0.52
N ILE A 170 -1.91 14.81 -0.47
CA ILE A 170 -2.73 14.67 -1.65
C ILE A 170 -4.15 15.17 -1.42
N SER A 171 -4.69 15.88 -2.41
CA SER A 171 -6.04 16.40 -2.30
C SER A 171 -6.77 16.18 -3.61
N ILE A 172 -8.08 16.31 -3.56
CA ILE A 172 -8.93 16.11 -4.73
C ILE A 172 -9.97 17.21 -4.82
N GLU A 173 -10.40 17.50 -6.04
CA GLU A 173 -11.44 18.48 -6.28
C GLU A 173 -12.06 18.10 -7.61
N SER A 174 -13.38 18.27 -7.72
CA SER A 174 -14.08 17.90 -8.93
C SER A 174 -15.42 18.62 -9.07
N GLU A 175 -15.87 18.75 -10.31
CA GLU A 175 -17.13 19.40 -10.63
C GLU A 175 -17.84 18.53 -11.66
N LYS A 176 -19.09 18.18 -11.37
CA LYS A 176 -19.91 17.34 -12.24
C LYS A 176 -19.82 17.78 -13.70
N ASP A 177 -19.58 16.79 -14.57
CA ASP A 177 -19.46 17.00 -16.01
C ASP A 177 -18.37 17.95 -16.44
N LYS A 178 -17.64 18.52 -15.48
CA LYS A 178 -16.55 19.46 -15.78
C LYS A 178 -15.18 18.79 -15.72
N GLY A 179 -15.00 17.89 -14.76
CA GLY A 179 -13.74 17.19 -14.65
C GLY A 179 -13.25 16.95 -13.24
N THR A 180 -12.05 16.40 -13.15
CA THR A 180 -11.45 16.09 -11.85
C THR A 180 -9.97 16.45 -11.81
N LYS A 181 -9.50 16.84 -10.63
CA LYS A 181 -8.12 17.24 -10.48
C LYS A 181 -7.57 16.67 -9.17
N VAL A 182 -6.49 15.90 -9.27
CA VAL A 182 -5.86 15.33 -8.08
C VAL A 182 -4.54 16.06 -7.93
N THR A 183 -4.28 16.53 -6.72
CA THR A 183 -3.07 17.27 -6.42
C THR A 183 -2.19 16.61 -5.37
N ILE A 184 -0.92 16.42 -5.72
CA ILE A 184 0.06 15.81 -4.82
C ILE A 184 1.15 16.81 -4.52
N ARG A 185 1.39 17.05 -3.24
CA ARG A 185 2.43 17.99 -2.81
C ARG A 185 3.58 17.18 -2.24
N LEU A 186 4.79 17.41 -2.77
CA LEU A 186 5.96 16.70 -2.28
C LEU A 186 6.92 17.72 -1.65
N PRO A 187 7.59 17.35 -0.56
CA PRO A 187 8.51 18.28 0.11
C PRO A 187 9.87 18.46 -0.55
N LEU A 188 10.44 19.63 -0.31
CA LEU A 188 11.77 19.96 -0.81
C LEU A 188 12.69 19.27 0.17
N THR A 189 13.70 18.58 -0.35
CA THR A 189 14.65 17.87 0.50
C THR A 189 15.93 18.69 0.59
N SER B 2 -21.90 -20.30 14.31
CA SER B 2 -21.04 -21.36 14.87
C SER B 2 -19.83 -21.59 13.98
N HIS B 3 -19.60 -20.67 13.06
CA HIS B 3 -18.50 -20.85 12.14
C HIS B 3 -17.60 -19.63 11.95
N MET B 4 -18.01 -18.78 11.02
CA MET B 4 -17.24 -17.59 10.64
C MET B 4 -17.55 -16.29 11.37
N VAL B 5 -16.53 -15.44 11.45
CA VAL B 5 -16.63 -14.11 12.04
C VAL B 5 -15.54 -13.31 11.34
N PRO B 6 -15.74 -12.01 11.16
CA PRO B 6 -14.74 -11.17 10.50
C PRO B 6 -13.41 -11.11 11.25
N ILE B 7 -12.31 -11.17 10.51
CA ILE B 7 -10.98 -11.17 11.10
C ILE B 7 -10.68 -9.91 11.92
N SER B 8 -11.63 -8.97 11.90
CA SER B 8 -11.50 -7.72 12.66
C SER B 8 -11.37 -8.00 14.15
N PHE B 9 -11.91 -9.13 14.59
CA PHE B 9 -11.82 -9.48 16.00
C PHE B 9 -10.35 -9.71 16.35
N VAL B 10 -9.54 -9.98 15.34
CA VAL B 10 -8.13 -10.20 15.51
C VAL B 10 -7.35 -8.91 15.27
N PHE B 11 -7.69 -8.23 14.19
CA PHE B 11 -7.00 -7.00 13.76
C PHE B 11 -7.22 -5.73 14.56
N ASN B 12 -8.39 -5.61 15.20
CA ASN B 12 -8.75 -4.41 15.94
C ASN B 12 -7.72 -3.83 16.91
N ARG B 13 -7.09 -4.67 17.71
CA ARG B 13 -6.13 -4.15 18.66
C ARG B 13 -4.74 -3.81 18.12
N PHE B 14 -4.47 -4.15 16.87
CA PHE B 14 -3.13 -3.93 16.33
C PHE B 14 -2.68 -2.49 16.06
N PRO B 15 -3.55 -1.66 15.46
CA PRO B 15 -3.11 -0.28 15.20
C PRO B 15 -2.46 0.35 16.44
N ARG B 16 -3.18 0.32 17.56
CA ARG B 16 -2.66 0.91 18.79
C ARG B 16 -1.35 0.28 19.28
N MET B 17 -1.22 -1.02 19.11
CA MET B 17 -0.01 -1.69 19.55
C MET B 17 1.15 -1.38 18.61
N VAL B 18 0.84 -1.19 17.32
CA VAL B 18 1.85 -0.88 16.33
C VAL B 18 2.37 0.55 16.54
N ARG B 19 1.44 1.47 16.75
CA ARG B 19 1.79 2.86 17.01
C ARG B 19 2.66 2.94 18.26
N ASP B 20 2.23 2.28 19.33
CA ASP B 20 3.00 2.30 20.58
C ASP B 20 4.38 1.65 20.42
N LEU B 21 4.41 0.54 19.69
CA LEU B 21 5.66 -0.19 19.49
C LEU B 21 6.66 0.63 18.68
N ALA B 22 6.19 1.21 17.58
CA ALA B 22 7.05 2.00 16.71
C ALA B 22 7.59 3.23 17.44
N LYS B 23 6.76 3.78 18.32
CA LYS B 23 7.12 4.96 19.09
C LYS B 23 8.21 4.64 20.10
N LYS B 24 8.15 3.44 20.68
CA LYS B 24 9.15 3.04 21.66
C LYS B 24 10.51 2.78 21.04
N MET B 25 10.52 2.14 19.87
CA MET B 25 11.76 1.83 19.18
C MET B 25 12.15 2.94 18.23
N ASN B 26 11.48 4.08 18.38
CA ASN B 26 11.69 5.26 17.57
C ASN B 26 11.79 4.98 16.08
N LYS B 27 10.71 4.47 15.50
CA LYS B 27 10.66 4.17 14.08
C LYS B 27 9.45 4.90 13.50
N GLU B 28 9.56 5.34 12.25
CA GLU B 28 8.43 6.01 11.60
C GLU B 28 7.74 4.89 10.84
N VAL B 29 6.50 4.60 11.20
CA VAL B 29 5.79 3.50 10.56
C VAL B 29 4.37 3.88 10.17
N ASN B 30 4.05 3.66 8.91
CA ASN B 30 2.70 3.92 8.43
C ASN B 30 2.10 2.51 8.36
N PHE B 31 1.21 2.23 9.31
CA PHE B 31 0.57 0.92 9.41
C PHE B 31 -0.71 0.85 8.60
N ILE B 32 -0.76 -0.14 7.71
CA ILE B 32 -1.90 -0.34 6.81
C ILE B 32 -2.57 -1.69 7.01
N MET B 33 -3.85 -1.69 7.34
CA MET B 33 -4.59 -2.92 7.51
C MET B 33 -5.58 -3.01 6.35
N ARG B 34 -5.67 -4.21 5.77
CA ARG B 34 -6.55 -4.46 4.65
C ARG B 34 -7.39 -5.72 4.84
N GLY B 35 -8.61 -5.70 4.30
CA GLY B 35 -9.51 -6.83 4.38
C GLY B 35 -9.93 -7.30 5.77
N GLU B 36 -10.16 -6.38 6.70
CA GLU B 36 -10.56 -6.79 8.04
C GLU B 36 -11.94 -7.43 8.10
N ASP B 37 -12.67 -7.38 6.98
CA ASP B 37 -14.01 -7.98 6.91
C ASP B 37 -13.89 -9.43 6.53
N THR B 38 -12.69 -9.83 6.11
CA THR B 38 -12.43 -11.21 5.70
C THR B 38 -12.79 -12.14 6.84
N GLU B 39 -13.56 -13.18 6.56
CA GLU B 39 -13.96 -14.07 7.62
C GLU B 39 -13.11 -15.33 7.75
N LEU B 40 -13.09 -15.88 8.96
CA LEU B 40 -12.35 -17.09 9.24
C LEU B 40 -13.04 -17.81 10.38
N ASP B 41 -12.70 -19.07 10.56
CA ASP B 41 -13.26 -19.90 11.62
C ASP B 41 -13.05 -19.20 12.98
N ARG B 42 -14.11 -19.10 13.78
CA ARG B 42 -14.01 -18.43 15.06
C ARG B 42 -13.03 -19.06 16.06
N THR B 43 -12.65 -20.31 15.83
CA THR B 43 -11.72 -20.96 16.75
C THR B 43 -10.26 -20.66 16.40
N PHE B 44 -10.06 -19.78 15.41
CA PHE B 44 -8.73 -19.37 14.97
C PHE B 44 -8.39 -18.02 15.59
N VAL B 45 -9.43 -17.29 15.96
CA VAL B 45 -9.29 -15.94 16.52
C VAL B 45 -8.30 -15.80 17.67
N GLU B 46 -8.52 -16.57 18.73
CA GLU B 46 -7.64 -16.49 19.87
C GLU B 46 -6.23 -17.03 19.59
N GLU B 47 -6.13 -18.06 18.75
CA GLU B 47 -4.83 -18.67 18.46
C GLU B 47 -3.93 -17.96 17.45
N ILE B 48 -4.51 -17.20 16.53
CA ILE B 48 -3.70 -16.53 15.53
C ILE B 48 -3.28 -15.12 15.94
N GLY B 49 -3.83 -14.66 17.06
CA GLY B 49 -3.52 -13.31 17.53
C GLY B 49 -2.08 -13.09 17.95
N GLU B 50 -1.60 -13.87 18.92
CA GLU B 50 -0.23 -13.70 19.39
C GLU B 50 0.80 -13.82 18.26
N PRO B 51 0.65 -14.86 17.41
CA PRO B 51 1.60 -15.03 16.30
C PRO B 51 1.63 -13.82 15.36
N LEU B 52 0.45 -13.27 15.10
CA LEU B 52 0.37 -12.11 14.21
C LEU B 52 1.01 -10.90 14.89
N LEU B 53 0.74 -10.68 16.17
CA LEU B 53 1.35 -9.53 16.84
C LEU B 53 2.87 -9.69 16.77
N HIS B 54 3.36 -10.92 16.93
CA HIS B 54 4.81 -11.14 16.89
C HIS B 54 5.44 -10.77 15.54
N LEU B 55 4.77 -11.10 14.45
CA LEU B 55 5.28 -10.75 13.12
C LEU B 55 5.33 -9.23 12.95
N LEU B 56 4.33 -8.52 13.46
CA LEU B 56 4.30 -7.06 13.36
C LEU B 56 5.44 -6.48 14.17
N ARG B 57 5.66 -7.03 15.35
CA ARG B 57 6.72 -6.59 16.24
C ARG B 57 8.06 -6.82 15.55
N ASN B 58 8.16 -7.93 14.81
CA ASN B 58 9.40 -8.23 14.09
C ASN B 58 9.65 -7.18 13.03
N ALA B 59 8.58 -6.79 12.34
CA ALA B 59 8.68 -5.80 11.28
C ALA B 59 9.15 -4.46 11.83
N ILE B 60 8.52 -4.02 12.91
CA ILE B 60 8.85 -2.74 13.53
C ILE B 60 10.23 -2.75 14.15
N ASP B 61 10.57 -3.84 14.81
CA ASP B 61 11.86 -4.00 15.49
C ASP B 61 13.05 -4.29 14.57
N HIS B 62 12.95 -5.41 13.87
CA HIS B 62 14.03 -5.85 13.00
C HIS B 62 13.93 -5.36 11.56
N GLY B 63 12.73 -5.00 11.11
CA GLY B 63 12.54 -4.56 9.74
C GLY B 63 12.77 -3.10 9.37
N ILE B 64 11.77 -2.28 9.64
CA ILE B 64 11.84 -0.85 9.33
C ILE B 64 13.05 -0.20 9.96
N GLU B 65 13.85 0.47 9.15
CA GLU B 65 15.06 1.13 9.64
C GLU B 65 14.76 2.55 10.14
N PRO B 66 15.64 3.10 10.98
CA PRO B 66 15.44 4.45 11.50
C PRO B 66 15.44 5.46 10.33
N LYS B 67 14.84 6.64 10.53
CA LYS B 67 14.78 7.65 9.48
C LYS B 67 16.08 7.87 8.71
N GLU B 68 17.15 8.26 9.41
CA GLU B 68 18.43 8.52 8.74
C GLU B 68 18.90 7.35 7.92
N GLU B 69 18.62 6.14 8.37
CA GLU B 69 19.01 4.95 7.63
C GLU B 69 18.11 4.76 6.40
N ARG B 70 16.83 5.09 6.52
CA ARG B 70 15.90 4.99 5.38
C ARG B 70 16.38 5.99 4.32
N ILE B 71 16.78 7.17 4.81
CA ILE B 71 17.22 8.26 3.95
C ILE B 71 18.53 7.99 3.24
N ALA B 72 19.47 7.36 3.94
CA ALA B 72 20.75 7.06 3.31
C ALA B 72 20.57 6.02 2.21
N LYS B 73 19.64 5.10 2.40
CA LYS B 73 19.40 4.04 1.40
C LYS B 73 18.55 4.48 0.22
N GLY B 74 18.10 5.73 0.24
CA GLY B 74 17.28 6.21 -0.86
C GLY B 74 15.91 5.58 -0.84
N LYS B 75 15.34 5.48 0.36
CA LYS B 75 14.03 4.89 0.53
C LYS B 75 13.05 5.93 1.09
N PRO B 76 11.74 5.65 0.98
CA PRO B 76 10.76 6.60 1.53
C PRO B 76 11.12 6.76 3.00
N PRO B 77 11.17 7.99 3.53
CA PRO B 77 11.52 8.23 4.93
C PRO B 77 10.73 7.35 5.90
N ILE B 78 9.41 7.29 5.69
CA ILE B 78 8.52 6.50 6.53
C ILE B 78 8.39 5.05 6.06
N GLY B 79 8.57 4.13 7.00
CA GLY B 79 8.44 2.72 6.66
C GLY B 79 6.98 2.37 6.50
N THR B 80 6.70 1.32 5.71
CA THR B 80 5.35 0.86 5.48
C THR B 80 5.15 -0.57 5.98
N LEU B 81 4.20 -0.73 6.90
CA LEU B 81 3.90 -2.03 7.46
C LEU B 81 2.48 -2.37 7.03
N ILE B 82 2.32 -3.42 6.25
CA ILE B 82 0.99 -3.80 5.76
C ILE B 82 0.46 -5.14 6.26
N LEU B 83 -0.71 -5.13 6.90
CA LEU B 83 -1.35 -6.37 7.37
C LEU B 83 -2.58 -6.55 6.50
N SER B 84 -2.73 -7.71 5.88
CA SER B 84 -3.87 -7.93 5.01
C SER B 84 -4.43 -9.33 5.06
N ALA B 85 -5.73 -9.45 4.87
CA ALA B 85 -6.40 -10.73 4.90
C ALA B 85 -7.35 -10.80 3.70
N ARG B 86 -7.52 -12.00 3.15
CA ARG B 86 -8.40 -12.19 2.00
C ARG B 86 -8.73 -13.65 1.81
N HIS B 87 -9.72 -13.93 0.96
CA HIS B 87 -10.13 -15.29 0.67
C HIS B 87 -9.64 -15.62 -0.74
N GLU B 88 -8.77 -16.62 -0.84
CA GLU B 88 -8.28 -17.03 -2.15
C GLU B 88 -8.32 -18.54 -2.16
N GLY B 89 -9.34 -19.09 -2.80
CA GLY B 89 -9.49 -20.53 -2.85
C GLY B 89 -10.36 -20.96 -1.68
N ASN B 90 -9.97 -22.04 -1.01
CA ASN B 90 -10.74 -22.52 0.12
C ASN B 90 -10.08 -22.10 1.44
N ASN B 91 -9.17 -21.13 1.38
CA ASN B 91 -8.51 -20.67 2.60
C ASN B 91 -8.51 -19.17 2.78
N VAL B 92 -8.07 -18.74 3.96
CA VAL B 92 -7.95 -17.33 4.27
C VAL B 92 -6.44 -17.07 4.16
N VAL B 93 -6.07 -15.98 3.49
CA VAL B 93 -4.66 -15.62 3.31
C VAL B 93 -4.37 -14.39 4.16
N ILE B 94 -3.37 -14.49 5.02
CA ILE B 94 -2.97 -13.39 5.88
C ILE B 94 -1.52 -13.06 5.57
N GLU B 95 -1.26 -11.80 5.24
CA GLU B 95 0.08 -11.34 4.90
C GLU B 95 0.56 -10.22 5.81
N VAL B 96 1.85 -10.25 6.16
CA VAL B 96 2.49 -9.25 6.99
C VAL B 96 3.72 -8.84 6.20
N GLU B 97 3.73 -7.63 5.66
CA GLU B 97 4.85 -7.18 4.85
C GLU B 97 5.36 -5.80 5.23
N ASP B 98 6.68 -5.65 5.17
CA ASP B 98 7.32 -4.38 5.50
C ASP B 98 8.38 -4.09 4.44
N ASP B 99 8.65 -2.82 4.20
CA ASP B 99 9.67 -2.45 3.22
C ASP B 99 10.94 -2.03 3.97
N GLY B 100 11.32 -2.86 4.94
CA GLY B 100 12.51 -2.61 5.74
C GLY B 100 13.81 -3.17 5.16
N ARG B 101 14.79 -3.40 6.02
CA ARG B 101 16.09 -3.90 5.55
C ARG B 101 16.11 -5.38 5.21
N GLY B 102 15.05 -6.08 5.59
CA GLY B 102 14.98 -7.50 5.30
C GLY B 102 15.72 -8.36 6.30
N ILE B 103 15.45 -9.66 6.25
CA ILE B 103 16.09 -10.61 7.15
C ILE B 103 17.58 -10.78 6.84
N ASP B 104 18.40 -10.63 7.88
CA ASP B 104 19.84 -10.77 7.75
C ASP B 104 20.13 -12.26 7.63
N LYS B 105 20.23 -12.74 6.39
CA LYS B 105 20.46 -14.15 6.12
C LYS B 105 21.79 -14.66 6.64
N GLU B 106 22.80 -13.80 6.60
CA GLU B 106 24.14 -14.13 7.07
C GLU B 106 24.06 -14.44 8.56
N LYS B 107 23.27 -13.64 9.27
CA LYS B 107 23.08 -13.83 10.71
C LYS B 107 22.33 -15.12 11.01
N ILE B 108 21.36 -15.46 10.18
CA ILE B 108 20.59 -16.68 10.39
C ILE B 108 21.50 -17.91 10.24
N ILE B 109 22.33 -17.88 9.20
CA ILE B 109 23.25 -18.98 8.93
C ILE B 109 24.21 -19.12 10.13
N ARG B 110 24.63 -17.99 10.69
CA ARG B 110 25.53 -18.01 11.84
C ARG B 110 24.82 -18.66 13.03
N LYS B 111 23.55 -18.32 13.24
CA LYS B 111 22.79 -18.91 14.35
C LYS B 111 22.56 -20.40 14.10
N ALA B 112 22.25 -20.74 12.85
CA ALA B 112 22.03 -22.13 12.49
C ALA B 112 23.23 -22.99 12.90
N ILE B 113 24.44 -22.57 12.50
CA ILE B 113 25.68 -23.27 12.82
C ILE B 113 25.86 -23.38 14.33
N GLU B 114 25.66 -22.26 15.03
CA GLU B 114 25.78 -22.23 16.48
C GLU B 114 24.81 -23.22 17.15
N LYS B 115 23.65 -23.43 16.54
CA LYS B 115 22.68 -24.33 17.15
C LYS B 115 22.78 -25.76 16.66
N GLY B 116 23.88 -26.07 15.99
CA GLY B 116 24.11 -27.41 15.49
C GLY B 116 23.14 -27.86 14.41
N LEU B 117 22.41 -26.92 13.81
CA LEU B 117 21.44 -27.27 12.76
C LEU B 117 22.13 -27.46 11.41
N ILE B 118 23.36 -26.96 11.31
CA ILE B 118 24.08 -27.12 10.06
C ILE B 118 25.57 -26.96 10.30
N ASP B 119 26.37 -27.62 9.48
CA ASP B 119 27.83 -27.54 9.53
C ASP B 119 28.21 -26.34 8.67
N GLU B 120 29.33 -25.69 8.96
CA GLU B 120 29.70 -24.52 8.17
C GLU B 120 29.98 -24.89 6.71
N SER B 121 30.47 -26.11 6.48
CA SER B 121 30.77 -26.56 5.12
C SER B 121 29.55 -26.60 4.21
N LYS B 122 28.36 -26.53 4.79
CA LYS B 122 27.14 -26.55 4.00
C LYS B 122 26.48 -25.20 3.85
N ALA B 123 26.99 -24.21 4.57
CA ALA B 123 26.42 -22.86 4.52
C ALA B 123 26.58 -22.13 3.20
N ALA B 124 27.74 -22.28 2.56
CA ALA B 124 28.01 -21.57 1.32
C ALA B 124 27.01 -21.75 0.19
N THR B 125 26.43 -22.95 0.06
CA THR B 125 25.48 -23.22 -1.03
C THR B 125 24.00 -23.21 -0.64
N LEU B 126 23.69 -22.86 0.61
CA LEU B 126 22.30 -22.81 1.02
C LEU B 126 21.50 -21.87 0.12
N SER B 127 20.28 -22.27 -0.22
CA SER B 127 19.42 -21.42 -1.03
C SER B 127 18.77 -20.46 -0.03
N ASP B 128 18.20 -19.37 -0.54
CA ASP B 128 17.54 -18.39 0.31
C ASP B 128 16.39 -19.05 1.08
N GLN B 129 15.74 -20.03 0.46
CA GLN B 129 14.64 -20.75 1.12
C GLN B 129 15.12 -21.70 2.23
N GLU B 130 16.27 -22.34 2.03
CA GLU B 130 16.81 -23.24 3.04
C GLU B 130 17.25 -22.39 4.25
N ILE B 131 17.74 -21.20 3.97
CA ILE B 131 18.18 -20.32 5.04
C ILE B 131 17.01 -19.84 5.88
N LEU B 132 16.05 -19.23 5.21
CA LEU B 132 14.86 -18.69 5.89
C LEU B 132 14.11 -19.77 6.64
N ASN B 133 14.12 -20.99 6.12
CA ASN B 133 13.43 -22.07 6.80
C ASN B 133 14.02 -22.40 8.17
N PHE B 134 15.24 -21.94 8.44
CA PHE B 134 15.85 -22.22 9.74
C PHE B 134 14.99 -21.59 10.84
N LEU B 135 14.41 -20.44 10.50
CA LEU B 135 13.56 -19.70 11.42
C LEU B 135 12.37 -20.52 11.89
N PHE B 136 12.02 -21.56 11.15
CA PHE B 136 10.87 -22.39 11.50
C PHE B 136 11.24 -23.59 12.35
N VAL B 137 12.54 -23.84 12.46
CA VAL B 137 13.01 -24.95 13.28
C VAL B 137 12.72 -24.66 14.75
N PRO B 138 11.99 -25.55 15.43
CA PRO B 138 11.71 -25.29 16.84
C PRO B 138 12.97 -25.09 17.67
N GLY B 139 12.97 -24.04 18.49
CA GLY B 139 14.11 -23.77 19.33
C GLY B 139 15.14 -22.90 18.64
N PHE B 140 14.76 -22.26 17.53
CA PHE B 140 15.70 -21.41 16.83
C PHE B 140 15.77 -20.02 17.48
N SER B 141 14.61 -19.42 17.71
CA SER B 141 14.57 -18.09 18.31
C SER B 141 15.05 -18.14 19.77
N THR B 142 15.62 -17.03 20.24
CA THR B 142 16.12 -16.92 21.61
C THR B 142 15.14 -17.43 22.65
N LYS B 143 14.02 -16.73 22.81
CA LYS B 143 13.00 -17.13 23.78
C LYS B 143 11.60 -17.05 23.18
N GLY B 153 7.94 -17.50 25.64
CA GLY B 153 7.95 -16.43 24.59
C GLY B 153 7.63 -16.98 23.21
N VAL B 154 7.62 -16.12 22.19
CA VAL B 154 7.33 -16.58 20.85
C VAL B 154 8.32 -16.09 19.80
N GLY B 155 8.59 -16.95 18.84
CA GLY B 155 9.50 -16.60 17.76
C GLY B 155 8.89 -17.13 16.48
N MET B 156 9.63 -17.07 15.39
CA MET B 156 9.12 -17.56 14.12
C MET B 156 8.81 -19.06 14.25
N ASP B 157 9.57 -19.75 15.08
CA ASP B 157 9.35 -21.18 15.26
C ASP B 157 7.99 -21.45 15.91
N VAL B 158 7.59 -20.59 16.82
CA VAL B 158 6.30 -20.75 17.50
C VAL B 158 5.18 -20.33 16.55
N VAL B 159 5.46 -19.37 15.68
CA VAL B 159 4.44 -18.94 14.73
C VAL B 159 4.11 -20.09 13.78
N LYS B 160 5.16 -20.72 13.28
CA LYS B 160 4.99 -21.84 12.35
C LYS B 160 4.26 -22.97 13.05
N ASN B 161 4.58 -23.21 14.30
CA ASN B 161 3.92 -24.31 15.02
C ASN B 161 2.42 -24.04 15.21
N VAL B 162 2.09 -22.82 15.62
CA VAL B 162 0.68 -22.43 15.81
C VAL B 162 -0.05 -22.53 14.46
N VAL B 163 0.58 -22.07 13.38
CA VAL B 163 -0.04 -22.14 12.06
C VAL B 163 -0.28 -23.60 11.65
N GLU B 164 0.67 -24.46 11.96
CA GLU B 164 0.54 -25.88 11.63
C GLU B 164 -0.60 -26.51 12.40
N SER B 165 -0.73 -26.16 13.67
CA SER B 165 -1.81 -26.70 14.52
C SER B 165 -3.20 -26.26 14.04
N LEU B 166 -3.25 -25.27 13.15
CA LEU B 166 -4.51 -24.79 12.59
C LEU B 166 -4.68 -25.41 11.21
N ASN B 167 -3.82 -26.39 10.92
CA ASN B 167 -3.79 -27.12 9.66
C ASN B 167 -3.58 -26.24 8.43
N GLY B 168 -2.75 -25.19 8.58
CA GLY B 168 -2.46 -24.31 7.46
C GLY B 168 -0.97 -24.29 7.20
N SER B 169 -0.49 -23.33 6.41
CA SER B 169 0.93 -23.24 6.10
C SER B 169 1.41 -21.79 6.10
N ILE B 170 2.73 -21.63 6.18
CA ILE B 170 3.35 -20.32 6.20
C ILE B 170 4.62 -20.31 5.36
N SER B 171 4.92 -19.16 4.79
CA SER B 171 6.10 -19.03 3.97
C SER B 171 6.69 -17.64 4.13
N ILE B 172 7.98 -17.54 3.91
CA ILE B 172 8.68 -16.27 4.07
C ILE B 172 9.34 -15.87 2.76
N GLU B 173 9.47 -14.56 2.57
CA GLU B 173 10.07 -13.98 1.39
C GLU B 173 10.80 -12.74 1.89
N SER B 174 12.03 -12.56 1.44
CA SER B 174 12.78 -11.40 1.88
C SER B 174 13.95 -11.07 0.96
N GLU B 175 14.18 -9.77 0.77
CA GLU B 175 15.27 -9.30 -0.06
C GLU B 175 15.98 -8.20 0.71
N LYS B 176 17.30 -8.33 0.83
CA LYS B 176 18.11 -7.34 1.55
C LYS B 176 17.77 -5.92 1.13
N ASP B 177 17.58 -5.04 2.10
CA ASP B 177 17.26 -3.63 1.87
C ASP B 177 15.93 -3.38 1.18
N LYS B 178 15.23 -4.45 0.84
CA LYS B 178 13.93 -4.34 0.19
C LYS B 178 12.77 -4.60 1.15
N GLY B 179 12.91 -5.59 2.01
CA GLY B 179 11.83 -5.86 2.95
C GLY B 179 11.57 -7.34 3.17
N THR B 180 10.49 -7.64 3.88
CA THR B 180 10.09 -9.00 4.22
C THR B 180 8.57 -9.17 4.15
N LYS B 181 8.14 -10.32 3.65
CA LYS B 181 6.71 -10.60 3.55
C LYS B 181 6.45 -11.98 4.10
N VAL B 182 5.55 -12.07 5.08
CA VAL B 182 5.21 -13.37 5.65
C VAL B 182 3.77 -13.68 5.27
N THR B 183 3.56 -14.87 4.69
CA THR B 183 2.24 -15.29 4.24
C THR B 183 1.71 -16.51 4.99
N ILE B 184 0.51 -16.37 5.51
CA ILE B 184 -0.11 -17.45 6.25
C ILE B 184 -1.39 -17.85 5.56
N ARG B 185 -1.54 -19.13 5.28
CA ARG B 185 -2.75 -19.64 4.63
C ARG B 185 -3.40 -20.61 5.60
N LEU B 186 -4.64 -20.33 5.98
CA LEU B 186 -5.38 -21.18 6.89
C LEU B 186 -6.60 -21.73 6.17
N PRO B 187 -6.97 -23.00 6.43
CA PRO B 187 -8.14 -23.58 5.76
C PRO B 187 -9.43 -22.90 6.22
N LEU B 188 -10.43 -22.82 5.35
CA LEU B 188 -11.70 -22.16 5.70
C LEU B 188 -12.70 -23.03 6.47
N THR B 189 -12.83 -24.28 6.06
CA THR B 189 -13.78 -25.20 6.69
C THR B 189 -13.13 -26.51 7.11
#